data_2FIL
#
_entry.id   2FIL
#
_cell.length_a   32.733
_cell.length_b   69.180
_cell.length_c   32.831
_cell.angle_alpha   90.00
_cell.angle_beta   92.21
_cell.angle_gamma   90.00
#
_symmetry.space_group_name_H-M   'P 1 21 1'
#
loop_
_entity.id
_entity.type
_entity.pdbx_description
1 polymer "5'-D(*GP*CP*GP*TP*(A2M)P*(TAF)P*AP*CP*GP*C)-3'"
2 non-polymer 'COBALT HEXAMMINE(III)'
3 water water
#
_entity_poly.entity_id   1
_entity_poly.type   'polydeoxyribonucleotide'
_entity_poly.pdbx_seq_one_letter_code
;(DG)(DC)(DG)(DT)(A2M)(TAF)(DA)(DC)(DG)(DC)
;
_entity_poly.pdbx_strand_id   A,B,C,D
#
loop_
_chem_comp.id
_chem_comp.type
_chem_comp.name
_chem_comp.formula
A2M RNA linking '2'-O-methyladenosine 5'-(dihydrogen phosphate)' 'C11 H16 N5 O7 P'
DA DNA linking 2'-DEOXYADENOSINE-5'-MONOPHOSPHATE 'C10 H14 N5 O6 P'
DC DNA linking 2'-DEOXYCYTIDINE-5'-MONOPHOSPHATE 'C9 H14 N3 O7 P'
DG DNA linking 2'-DEOXYGUANOSINE-5'-MONOPHOSPHATE 'C10 H14 N5 O7 P'
DT DNA linking THYMIDINE-5'-MONOPHOSPHATE 'C10 H15 N2 O8 P'
NCO non-polymer 'COBALT HEXAMMINE(III)' 'Co H18 N6 3'
TAF DNA linking '2'-DEOXY-2'-FLUORO-ARABINO-FURANOSYL THYMINE-5'-PHOSPHATE' 'C10 H14 F N2 O8 P'
#
# COMPACT_ATOMS: atom_id res chain seq x y z
P A2M A 5 -6.61 0.20 3.30
OP1 A2M A 5 -6.53 0.95 4.59
O5' A2M A 5 -6.07 1.19 2.19
C5' A2M A 5 -6.69 1.03 0.97
C4' A2M A 5 -5.66 1.22 -0.07
O4' A2M A 5 -5.12 -0.06 -0.46
C3' A2M A 5 -6.15 1.84 -1.35
O3' A2M A 5 -6.33 3.22 -1.57
C2' A2M A 5 -5.95 0.90 -2.51
O2' A2M A 5 -4.97 1.43 -3.39
C1' A2M A 5 -5.44 -0.36 -1.82
CM' A2M A 5 -5.26 1.07 -4.75
N9 A2M A 5 -6.41 -1.43 -1.79
C8 A2M A 5 -7.17 -1.80 -0.72
N7 A2M A 5 -7.97 -2.81 -0.96
C5 A2M A 5 -7.71 -3.09 -2.29
C6 A2M A 5 -8.24 -4.06 -3.16
N6 A2M A 5 -9.18 -4.91 -2.74
N1 A2M A 5 -7.78 -4.11 -4.42
C2 A2M A 5 -6.85 -3.22 -4.79
N3 A2M A 5 -6.28 -2.27 -4.06
C4 A2M A 5 -6.76 -2.26 -2.81
OP2 A2M A 5 -7.87 -0.49 2.97
P TAF A 6 -7.74 3.92 -1.38
OP1 TAF A 6 -7.42 5.36 -1.49
OP2 TAF A 6 -8.49 3.42 -0.20
O5' TAF A 6 -8.51 3.55 -2.71
N1 TAF A 6 -9.67 0.54 -4.86
C6 TAF A 6 -9.68 0.77 -3.49
C2 TAF A 6 -10.07 -0.67 -5.38
O2 TAF A 6 -10.09 -0.96 -6.57
N3 TAF A 6 -10.48 -1.58 -4.46
C4 TAF A 6 -10.52 -1.41 -3.10
O4 TAF A 6 -10.92 -2.33 -2.40
C5 TAF A 6 -10.08 -0.14 -2.61
C5M TAF A 6 -10.08 0.19 -1.15
F2' TAF A 6 -11.50 1.79 -6.02
C2' TAF A 6 -10.38 2.54 -6.19
C5' TAF A 6 -8.37 4.46 -3.78
C4' TAF A 6 -8.84 3.80 -5.04
O4' TAF A 6 -8.28 2.48 -5.10
C1' TAF A 6 -9.20 1.64 -5.78
C3' TAF A 6 -10.34 3.61 -5.10
O3' TAF A 6 -11.02 4.89 -5.28
P A2M B 5 -14.28 -11.16 -9.90
OP1 A2M B 5 -14.11 -11.96 -11.14
O5' A2M B 5 -13.61 -9.79 -10.33
C5' A2M B 5 -13.48 -9.60 -11.73
C4' A2M B 5 -13.03 -8.19 -11.91
O4' A2M B 5 -13.65 -7.37 -10.91
C3' A2M B 5 -11.60 -8.07 -11.53
O3' A2M B 5 -10.85 -8.63 -12.56
C2' A2M B 5 -11.47 -6.58 -11.35
O2' A2M B 5 -11.32 -5.90 -12.56
C1' A2M B 5 -12.78 -6.30 -10.60
CM' A2M B 5 -11.26 -4.49 -12.31
N9 A2M B 5 -12.56 -6.24 -9.14
C8 A2M B 5 -12.68 -7.26 -8.24
N7 A2M B 5 -12.39 -6.90 -7.00
C5 A2M B 5 -12.02 -5.57 -7.12
C6 A2M B 5 -11.61 -4.61 -6.18
N6 A2M B 5 -11.48 -4.90 -4.88
N1 A2M B 5 -11.33 -3.36 -6.59
C2 A2M B 5 -11.46 -3.09 -7.90
N3 A2M B 5 -11.85 -3.91 -8.88
C4 A2M B 5 -12.13 -5.14 -8.42
OP2 A2M B 5 -13.68 -11.55 -8.61
P TAF B 6 -9.59 -9.51 -12.22
OP1 TAF B 6 -9.09 -9.81 -13.55
OP2 TAF B 6 -9.80 -10.62 -11.29
O5' TAF B 6 -8.55 -8.45 -11.64
N1 TAF B 6 -8.20 -6.06 -8.52
C6 TAF B 6 -8.63 -7.34 -8.71
C2 TAF B 6 -8.15 -5.47 -7.28
O2 TAF B 6 -7.77 -4.31 -7.10
N3 TAF B 6 -8.57 -6.29 -6.27
C4 TAF B 6 -9.01 -7.60 -6.39
O4 TAF B 6 -9.37 -8.27 -5.43
C5 TAF B 6 -9.03 -8.13 -7.73
C5M TAF B 6 -9.49 -9.53 -8.02
F2' TAF B 6 -5.53 -5.85 -8.94
C2' TAF B 6 -6.28 -5.44 -10.01
C5' TAF B 6 -8.24 -7.36 -12.51
C4' TAF B 6 -7.56 -6.22 -11.79
O4' TAF B 6 -8.48 -5.66 -10.85
C1' TAF B 6 -7.77 -5.26 -9.69
C3' TAF B 6 -6.27 -6.56 -11.05
O3' TAF B 6 -5.14 -6.34 -11.89
P A2M C 5 11.81 9.91 -3.69
OP1 A2M C 5 12.61 10.92 -4.39
O5' A2M C 5 11.66 10.49 -2.20
C5' A2M C 5 11.53 11.90 -2.05
C4' A2M C 5 11.37 12.24 -0.59
O4' A2M C 5 10.30 11.43 -0.04
C3' A2M C 5 12.56 11.95 0.32
O3' A2M C 5 13.61 12.91 0.26
C2' A2M C 5 11.83 11.96 1.65
O2' A2M C 5 11.76 13.30 2.08
C1' A2M C 5 10.47 11.30 1.36
CM' A2M C 5 11.77 13.31 3.51
N9 A2M C 5 10.35 9.84 1.62
C8 A2M C 5 10.61 8.84 0.71
N7 A2M C 5 10.45 7.62 1.17
C5 A2M C 5 10.06 7.83 2.47
C6 A2M C 5 9.72 6.92 3.47
N6 A2M C 5 9.78 5.62 3.28
N1 A2M C 5 9.35 7.42 4.66
C2 A2M C 5 9.34 8.76 4.81
N3 A2M C 5 9.63 9.75 3.95
C4 A2M C 5 9.98 9.19 2.78
OP2 A2M C 5 12.28 8.49 -3.57
P TAF C 6 15.15 12.44 0.28
OP1 TAF C 6 15.88 12.97 -0.91
OP2 TAF C 6 15.08 10.99 0.46
O5' TAF C 6 15.96 12.95 1.55
N1 TAF C 6 14.02 9.13 4.16
C6 TAF C 6 14.12 8.96 2.80
C2 TAF C 6 13.62 8.10 4.99
O2 TAF C 6 13.52 8.21 6.22
N3 TAF C 6 13.34 6.92 4.34
C4 TAF C 6 13.42 6.70 2.97
O4 TAF C 6 13.16 5.62 2.49
C5 TAF C 6 13.84 7.82 2.18
C5M TAF C 6 13.97 7.77 0.69
F2' TAF C 6 16.29 9.43 5.43
C2' TAF C 6 15.77 10.67 5.25
C5' TAF C 6 15.29 13.36 2.70
C4' TAF C 6 15.30 12.35 3.83
O4' TAF C 6 14.25 11.39 3.61
C1' TAF C 6 14.35 10.48 4.68
C3' TAF C 6 16.50 11.45 4.15
O3' TAF C 6 17.65 12.23 4.62
P A2M D 5 9.53 -1.93 11.08
OP1 A2M D 5 8.80 -2.46 12.25
O5' A2M D 5 9.76 -0.35 11.22
C5' A2M D 5 9.78 0.11 12.54
C4' A2M D 5 10.54 1.38 12.60
O4' A2M D 5 11.62 1.41 11.66
C3' A2M D 5 9.64 2.52 12.20
O3' A2M D 5 8.87 2.76 13.34
C2' A2M D 5 10.65 3.59 11.86
O2' A2M D 5 11.00 4.17 13.09
C1' A2M D 5 11.70 2.72 11.13
CM' A2M D 5 11.27 5.56 12.93
N9 A2M D 5 11.48 2.60 9.66
C8 A2M D 5 10.87 1.59 8.92
N7 A2M D 5 10.85 1.79 7.62
C5 A2M D 5 11.47 3.04 7.54
C6 A2M D 5 11.77 3.87 6.47
N6 A2M D 5 11.46 3.50 5.24
N1 A2M D 5 12.42 5.04 6.73
C2 A2M D 5 12.74 5.40 7.99
N3 A2M D 5 12.49 4.70 9.07
C4 A2M D 5 11.86 3.53 8.76
OP2 A2M D 5 8.93 -2.15 9.78
P TAF D 6 7.31 2.79 13.17
OP1 TAF D 6 6.60 2.86 14.45
OP2 TAF D 6 6.91 1.78 12.19
O5' TAF D 6 7.27 4.25 12.55
N1 TAF D 6 8.58 6.16 9.18
C6 TAF D 6 8.12 4.86 9.27
C2 TAF D 6 8.92 6.71 7.97
O2 TAF D 6 9.34 7.87 7.82
N3 TAF D 6 8.78 5.86 6.91
C4 TAF D 6 8.33 4.57 6.94
O4 TAF D 6 8.23 3.89 5.92
C5 TAF D 6 7.99 4.05 8.22
C5M TAF D 6 7.51 2.63 8.34
F2' TAF D 6 6.63 7.67 9.55
C2' TAF D 6 7.43 7.83 10.64
C5' TAF D 6 7.55 5.35 13.40
C4' TAF D 6 7.89 6.55 12.56
O4' TAF D 6 8.76 6.10 11.50
C1' TAF D 6 8.67 6.96 10.40
C3' TAF D 6 6.72 7.11 11.78
O3' TAF D 6 5.86 7.91 12.58
CO NCO E . -10.56 -10.54 -0.69
N1 NCO E . -9.50 -10.62 -2.37
N2 NCO E . -9.75 -8.74 -0.41
N3 NCO E . -11.58 -10.40 1.00
N4 NCO E . -11.35 -12.35 -0.97
N5 NCO E . -9.06 -11.41 0.31
N6 NCO E . -12.06 -9.71 -1.66
CO NCO F . -15.69 -13.05 6.40
N1 NCO F . -14.40 -11.64 5.87
N2 NCO F . -16.13 -11.96 7.97
N3 NCO F . -16.93 -14.50 6.95
N4 NCO F . -15.21 -14.15 4.82
N5 NCO F . -14.20 -13.92 7.40
N6 NCO F . -17.14 -12.17 5.39
CO NCO G . -14.21 -5.29 0.93
N1 NCO G . -12.23 -5.34 0.95
N2 NCO G . -14.06 -3.47 0.13
N3 NCO G . -16.22 -5.21 0.93
N4 NCO G . -14.29 -7.10 1.73
N5 NCO G . -14.19 -4.45 2.73
N6 NCO G . -14.21 -6.09 -0.87
CO NCO H . -12.83 -13.38 -4.86
N1 NCO H . -11.51 -11.96 -4.45
N2 NCO H . -13.87 -12.06 -5.93
N3 NCO H . -14.14 -14.81 -5.29
N4 NCO H . -11.80 -14.69 -3.78
N5 NCO H . -13.85 -12.93 -3.22
N6 NCO H . -11.80 -13.83 -6.49
CO NCO I . 6.57 0.66 2.90
N1 NCO I . 4.77 0.85 2.07
N2 NCO I . 6.23 -1.30 3.02
N3 NCO I . 8.39 0.42 3.64
N4 NCO I . 6.88 2.61 2.89
N5 NCO I . 5.80 0.98 4.70
N6 NCO I . 7.30 0.43 1.08
CO NCO J . 13.42 1.81 -0.35
N1 NCO J . 13.98 1.43 -2.18
N2 NCO J . 13.03 -0.10 -0.17
N3 NCO J . 12.99 1.78 1.58
N4 NCO J . 13.84 3.65 -0.77
N5 NCO J . 11.62 2.15 -1.00
N6 NCO J . 15.26 1.77 0.31
CO NCO K . 9.47 -5.25 -5.00
N1 NCO K . 7.84 -4.72 -4.00
N2 NCO K . 9.96 -3.33 -5.25
N3 NCO K . 11.12 -5.79 -5.97
N4 NCO K . 9.01 -7.15 -4.69
N5 NCO K . 8.43 -5.32 -6.69
N6 NCO K . 10.48 -5.21 -3.30
#